data_5X4Q
#
_entry.id   5X4Q
#
_cell.length_a   66.874
_cell.length_b   66.874
_cell.length_c   153.781
_cell.angle_alpha   90.00
_cell.angle_beta   90.00
_cell.angle_gamma   120.00
#
_symmetry.space_group_name_H-M   'P 61 2 2'
#
loop_
_entity.id
_entity.type
_entity.pdbx_description
1 polymer 'B-cell lymphoma 6 protein'
2 non-polymer 5-[[5-chloranyl-2-(pyridin-3-ylmethylamino)pyrimidin-4-yl]amino]-1,3-dihydroindol-2-one
3 non-polymer 1,2-ETHANEDIOL
4 non-polymer 'POTASSIUM ION'
5 water water
#
_entity_poly.entity_id   1
_entity_poly.type   'polypeptide(L)'
_entity_poly.pdbx_seq_one_letter_code
;LDYKDDDDKENLYFQGADSCIQFTRHASDVLLNLNRLRSRDILTDVVIVVSREQFRAHKTVLMACSGLFYSIFTDQLKCN
LSVINLDPEINPEGFCILLDFMYTSRLNLREGNIMAVMATAMYLQMEHVVDTCRKFIKASE
;
_entity_poly.pdbx_strand_id   A
#
loop_
_chem_comp.id
_chem_comp.type
_chem_comp.name
_chem_comp.formula
7Z6 non-polymer 5-[[5-chloranyl-2-(pyridin-3-ylmethylamino)pyrimidin-4-yl]amino]-1,3-dihydroindol-2-one 'C18 H15 Cl N6 O'
EDO non-polymer 1,2-ETHANEDIOL 'C2 H6 O2'
K non-polymer 'POTASSIUM ION' 'K 1'
#
# COMPACT_ATOMS: atom_id res chain seq x y z
N LEU A 12 8.97 18.43 -16.15
CA LEU A 12 10.41 18.61 -16.45
C LEU A 12 11.15 17.27 -16.48
N TYR A 13 12.36 17.34 -17.00
CA TYR A 13 13.19 16.17 -17.18
C TYR A 13 14.63 16.55 -16.95
N PHE A 14 15.48 15.53 -16.90
CA PHE A 14 16.90 15.72 -16.72
C PHE A 14 17.65 14.56 -17.36
N GLN A 15 18.96 14.76 -17.45
CA GLN A 15 19.86 13.75 -17.98
C GLN A 15 20.24 12.85 -16.81
N GLY A 16 19.78 11.60 -16.86
CA GLY A 16 19.93 10.66 -15.73
C GLY A 16 21.35 10.12 -15.66
N ALA A 17 21.61 9.25 -14.68
CA ALA A 17 22.95 8.64 -14.49
C ALA A 17 23.44 7.85 -15.73
N ASP A 18 22.51 7.24 -16.45
CA ASP A 18 22.77 6.71 -17.80
C ASP A 18 22.65 7.86 -18.83
N SER A 19 22.76 7.56 -20.11
CA SER A 19 22.53 8.58 -21.15
C SER A 19 21.08 9.09 -21.23
N CYS A 20 20.13 8.26 -20.80
CA CYS A 20 18.70 8.53 -20.97
C CYS A 20 18.18 9.85 -20.40
N ILE A 21 17.16 10.38 -21.08
CA ILE A 21 16.32 11.42 -20.53
C ILE A 21 15.42 10.75 -19.49
N GLN A 22 15.32 11.37 -18.32
CA GLN A 22 14.52 10.86 -17.23
C GLN A 22 13.53 11.95 -16.81
N PHE A 23 12.27 11.57 -16.64
CA PHE A 23 11.23 12.51 -16.28
C PHE A 23 11.01 12.46 -14.79
N THR A 24 11.26 13.60 -14.16
CA THR A 24 11.25 13.74 -12.70
C THR A 24 9.95 13.39 -12.03
N ARG A 25 8.83 13.80 -12.62
CA ARG A 25 7.53 13.61 -12.00
C ARG A 25 6.79 12.38 -12.55
N HIS A 26 7.44 11.57 -13.39
CA HIS A 26 6.72 10.49 -14.08
C HIS A 26 6.16 9.46 -13.11
N ALA A 27 7.00 8.90 -12.24
CA ALA A 27 6.55 7.84 -11.33
C ALA A 27 5.45 8.33 -10.40
N SER A 28 5.59 9.53 -9.86
CA SER A 28 4.55 10.10 -8.99
C SER A 28 3.27 10.47 -9.76
N ASP A 29 3.42 10.91 -11.01
CA ASP A 29 2.27 11.11 -11.90
C ASP A 29 1.50 9.81 -12.20
N VAL A 30 2.23 8.73 -12.44
CA VAL A 30 1.62 7.41 -12.64
C VAL A 30 0.83 7.03 -11.38
N LEU A 31 1.45 7.15 -10.21
CA LEU A 31 0.79 6.77 -8.98
C LEU A 31 -0.45 7.64 -8.73
N LEU A 32 -0.33 8.95 -8.98
CA LEU A 32 -1.47 9.87 -8.88
C LEU A 32 -2.62 9.45 -9.80
N ASN A 33 -2.30 9.08 -11.03
CA ASN A 33 -3.32 8.57 -11.95
C ASN A 33 -3.95 7.24 -11.52
N LEU A 34 -3.13 6.34 -10.96
CA LEU A 34 -3.68 5.08 -10.40
C LEU A 34 -4.62 5.37 -9.22
N ASN A 35 -4.26 6.34 -8.38
CA ASN A 35 -5.13 6.72 -7.24
C ASN A 35 -6.47 7.33 -7.70
N ARG A 36 -6.41 8.13 -8.75
CA ARG A 36 -7.62 8.64 -9.41
C ARG A 36 -8.50 7.52 -9.93
N LEU A 37 -7.90 6.51 -10.57
CA LEU A 37 -8.65 5.32 -11.02
C LEU A 37 -9.31 4.61 -9.85
N ARG A 38 -8.56 4.47 -8.77
CA ARG A 38 -9.08 3.83 -7.58
C ARG A 38 -10.27 4.63 -7.03
N SER A 39 -10.08 5.93 -6.91
CA SER A 39 -11.14 6.81 -6.42
C SER A 39 -12.43 6.74 -7.26
N ARG A 40 -12.31 6.50 -8.55
CA ARG A 40 -13.48 6.34 -9.42
C ARG A 40 -13.88 4.89 -9.67
N ASP A 41 -13.23 3.96 -8.98
CA ASP A 41 -13.48 2.53 -9.16
C ASP A 41 -13.33 2.03 -10.61
N ILE A 42 -12.30 2.52 -11.27
CA ILE A 42 -12.00 2.13 -12.66
C ILE A 42 -10.93 1.04 -12.65
N LEU A 43 -11.27 -0.10 -13.25
CA LEU A 43 -10.37 -1.26 -13.36
C LEU A 43 -9.89 -1.85 -12.03
N THR A 44 -10.58 -1.52 -10.93
CA THR A 44 -10.29 -2.18 -9.66
C THR A 44 -10.69 -3.62 -9.86
N ASP A 45 -9.88 -4.53 -9.33
CA ASP A 45 -10.05 -5.93 -9.58
C ASP A 45 -10.04 -6.80 -8.32
N VAL A 46 -10.05 -6.18 -7.15
CA VAL A 46 -10.11 -6.91 -5.90
C VAL A 46 -10.75 -6.05 -4.83
N VAL A 47 -11.48 -6.73 -3.93
CA VAL A 47 -11.99 -6.14 -2.70
C VAL A 47 -11.23 -6.78 -1.54
N ILE A 48 -10.65 -5.94 -0.68
CA ILE A 48 -10.05 -6.38 0.54
C ILE A 48 -11.01 -6.12 1.69
N VAL A 49 -11.31 -7.17 2.46
CA VAL A 49 -12.29 -7.10 3.54
C VAL A 49 -11.55 -7.15 4.88
N VAL A 50 -11.80 -6.14 5.71
CA VAL A 50 -11.15 -6.00 7.02
C VAL A 50 -12.25 -5.68 8.04
N SER A 51 -12.49 -6.56 9.00
CA SER A 51 -13.52 -6.31 10.06
C SER A 51 -14.86 -5.87 9.46
N ARG A 52 -15.28 -6.55 8.40
CA ARG A 52 -16.53 -6.22 7.68
C ARG A 52 -16.54 -4.87 6.93
N GLU A 53 -15.38 -4.23 6.73
CA GLU A 53 -15.28 -3.06 5.85
C GLU A 53 -14.55 -3.46 4.57
N GLN A 54 -15.05 -2.98 3.44
CA GLN A 54 -14.55 -3.35 2.11
C GLN A 54 -13.74 -2.22 1.50
N PHE A 55 -12.59 -2.55 0.91
CA PHE A 55 -11.70 -1.58 0.28
C PHE A 55 -11.41 -2.11 -1.13
N ARG A 56 -11.69 -1.32 -2.14
CA ARG A 56 -11.49 -1.74 -3.53
C ARG A 56 -10.10 -1.28 -3.95
N ALA A 57 -9.41 -2.08 -4.76
CA ALA A 57 -8.04 -1.75 -5.15
C ALA A 57 -7.62 -2.45 -6.42
N HIS A 58 -6.40 -2.15 -6.86
CA HIS A 58 -5.77 -2.83 -7.99
C HIS A 58 -4.74 -3.81 -7.45
N LYS A 59 -4.86 -5.07 -7.85
CA LYS A 59 -3.96 -6.15 -7.40
C LYS A 59 -2.49 -5.80 -7.65
N THR A 60 -2.19 -5.22 -8.81
CA THR A 60 -0.79 -4.94 -9.17
C THR A 60 -0.19 -3.93 -8.23
N VAL A 61 -0.97 -2.92 -7.84
CA VAL A 61 -0.48 -1.94 -6.85
C VAL A 61 -0.25 -2.58 -5.46
N LEU A 62 -1.21 -3.36 -5.02
CA LEU A 62 -1.05 -4.11 -3.76
C LEU A 62 0.22 -4.95 -3.75
N MET A 63 0.43 -5.71 -4.80
CA MET A 63 1.62 -6.58 -4.95
C MET A 63 2.91 -5.78 -5.01
N ALA A 64 2.87 -4.64 -5.67
CA ALA A 64 4.06 -3.78 -5.77
C ALA A 64 4.50 -3.22 -4.42
N CYS A 65 3.59 -3.15 -3.45
CA CYS A 65 3.89 -2.55 -2.14
C CYS A 65 3.97 -3.51 -0.95
N SER A 66 3.46 -4.72 -1.09
CA SER A 66 3.24 -5.61 0.07
C SER A 66 3.70 -7.01 -0.23
N GLY A 67 4.56 -7.54 0.63
CA GLY A 67 5.00 -8.93 0.58
C GLY A 67 3.86 -9.92 0.67
N LEU A 68 2.89 -9.66 1.53
CA LEU A 68 1.76 -10.57 1.66
C LEU A 68 0.94 -10.59 0.38
N PHE A 69 0.60 -9.42 -0.15
CA PHE A 69 -0.16 -9.38 -1.39
C PHE A 69 0.65 -9.94 -2.56
N TYR A 70 1.96 -9.73 -2.54
CA TYR A 70 2.79 -10.35 -3.57
C TYR A 70 2.66 -11.88 -3.57
N SER A 71 2.75 -12.49 -2.38
CA SER A 71 2.62 -13.96 -2.25
C SER A 71 1.25 -14.47 -2.64
N ILE A 72 0.21 -13.78 -2.23
CA ILE A 72 -1.16 -14.19 -2.55
C ILE A 72 -1.37 -14.18 -4.06
N PHE A 73 -1.03 -13.08 -4.71
CA PHE A 73 -1.38 -12.93 -6.12
C PHE A 73 -0.42 -13.58 -7.11
N THR A 74 0.72 -14.07 -6.65
CA THR A 74 1.56 -14.93 -7.46
C THR A 74 1.22 -16.43 -7.28
N ASP A 75 0.32 -16.75 -6.36
CA ASP A 75 -0.14 -18.13 -6.17
C ASP A 75 -1.17 -18.49 -7.24
N GLN A 76 -0.91 -19.61 -7.93
CA GLN A 76 -1.77 -20.10 -9.03
C GLN A 76 -3.25 -20.24 -8.64
N LEU A 77 -3.51 -20.62 -7.40
CA LEU A 77 -4.86 -20.78 -6.90
C LEU A 77 -5.53 -19.45 -6.50
N LYS A 78 -4.77 -18.61 -5.80
CA LYS A 78 -5.34 -17.40 -5.17
C LYS A 78 -5.38 -16.19 -6.07
N CYS A 79 -4.54 -16.16 -7.11
CA CYS A 79 -4.48 -15.02 -8.05
C CYS A 79 -5.80 -14.70 -8.76
N ASN A 80 -6.73 -15.65 -8.78
CA ASN A 80 -8.04 -15.51 -9.40
C ASN A 80 -9.09 -14.89 -8.47
N LEU A 81 -8.80 -14.83 -7.17
CA LEU A 81 -9.78 -14.36 -6.21
C LEU A 81 -10.01 -12.86 -6.45
N SER A 82 -11.28 -12.48 -6.41
CA SER A 82 -11.68 -11.10 -6.47
C SER A 82 -12.01 -10.55 -5.07
N VAL A 83 -12.04 -11.41 -4.04
CA VAL A 83 -12.23 -10.96 -2.65
C VAL A 83 -11.17 -11.62 -1.77
N ILE A 84 -10.53 -10.82 -0.92
CA ILE A 84 -9.50 -11.29 -0.01
C ILE A 84 -9.89 -10.82 1.40
N ASN A 85 -10.09 -11.75 2.32
CA ASN A 85 -10.30 -11.40 3.75
C ASN A 85 -8.98 -11.34 4.49
N LEU A 86 -8.75 -10.29 5.27
CA LEU A 86 -7.60 -10.25 6.15
C LEU A 86 -8.02 -10.68 7.56
N ASP A 87 -7.03 -10.95 8.39
CA ASP A 87 -7.21 -11.30 9.80
C ASP A 87 -8.20 -10.29 10.42
N PRO A 88 -9.33 -10.76 10.99
CA PRO A 88 -10.32 -9.81 11.57
C PRO A 88 -9.85 -9.00 12.75
N GLU A 89 -8.69 -9.33 13.33
CA GLU A 89 -8.07 -8.49 14.30
C GLU A 89 -7.44 -7.22 13.70
N ILE A 90 -7.25 -7.19 12.38
CA ILE A 90 -6.68 -5.99 11.74
C ILE A 90 -7.61 -4.79 11.87
N ASN A 91 -7.03 -3.67 12.27
CA ASN A 91 -7.71 -2.40 12.35
C ASN A 91 -7.88 -1.85 10.92
N PRO A 92 -9.14 -1.66 10.46
CA PRO A 92 -9.43 -1.01 9.18
C PRO A 92 -8.81 0.37 8.97
N GLU A 93 -8.68 1.18 10.04
CA GLU A 93 -8.01 2.47 9.94
C GLU A 93 -6.52 2.26 9.60
N GLY A 94 -5.90 1.27 10.24
CA GLY A 94 -4.53 0.89 9.98
C GLY A 94 -4.36 0.47 8.52
N PHE A 95 -5.28 -0.37 8.04
CA PHE A 95 -5.24 -0.77 6.62
C PHE A 95 -5.42 0.42 5.66
N CYS A 96 -6.42 1.25 5.95
CA CYS A 96 -6.74 2.46 5.16
C CYS A 96 -5.54 3.39 5.01
N ILE A 97 -4.82 3.61 6.10
CA ILE A 97 -3.61 4.42 6.12
C ILE A 97 -2.52 3.82 5.21
N LEU A 98 -2.33 2.51 5.28
CA LEU A 98 -1.34 1.84 4.44
C LEU A 98 -1.74 1.78 2.97
N LEU A 99 -3.01 1.54 2.71
CA LEU A 99 -3.54 1.60 1.35
C LEU A 99 -3.34 3.00 0.71
N ASP A 100 -3.65 4.05 1.46
CA ASP A 100 -3.41 5.42 1.02
C ASP A 100 -1.92 5.64 0.76
N PHE A 101 -1.07 5.16 1.67
CA PHE A 101 0.37 5.21 1.45
C PHE A 101 0.78 4.56 0.13
N MET A 102 0.23 3.37 -0.14
CA MET A 102 0.58 2.62 -1.35
C MET A 102 0.33 3.45 -2.62
N TYR A 103 -0.79 4.17 -2.60
CA TYR A 103 -1.21 4.97 -3.75
C TYR A 103 -0.68 6.43 -3.77
N THR A 104 -0.01 6.88 -2.70
CA THR A 104 0.44 8.29 -2.61
C THR A 104 1.90 8.57 -2.19
N SER A 105 2.58 7.57 -1.61
CA SER A 105 3.89 7.73 -0.96
C SER A 105 3.83 8.50 0.38
N ARG A 106 2.64 8.86 0.86
CA ARG A 106 2.50 9.64 2.08
C ARG A 106 1.93 8.74 3.15
N LEU A 107 2.59 8.71 4.30
CA LEU A 107 2.20 7.85 5.43
C LEU A 107 1.74 8.75 6.57
N ASN A 108 0.45 8.74 6.85
CA ASN A 108 -0.13 9.58 7.89
C ASN A 108 0.03 8.93 9.27
N LEU A 109 1.23 9.06 9.81
CA LEU A 109 1.58 8.41 11.08
C LEU A 109 1.30 9.40 12.19
N ARG A 110 0.72 8.92 13.29
CA ARG A 110 0.61 9.75 14.48
C ARG A 110 0.47 8.95 15.74
N GLU A 111 0.57 9.66 16.87
CA GLU A 111 0.56 9.06 18.18
C GLU A 111 -0.57 8.06 18.35
N GLY A 112 -1.79 8.45 17.99
CA GLY A 112 -2.96 7.61 18.22
C GLY A 112 -3.06 6.37 17.35
N ASN A 113 -2.38 6.35 16.21
CA ASN A 113 -2.51 5.26 15.24
C ASN A 113 -1.23 4.42 14.99
N ILE A 114 -0.06 4.90 15.44
CA ILE A 114 1.23 4.31 15.02
C ILE A 114 1.36 2.81 15.33
N MET A 115 0.85 2.40 16.49
CA MET A 115 0.88 0.99 16.90
C MET A 115 0.00 0.11 16.00
N ALA A 116 -1.21 0.57 15.71
CA ALA A 116 -2.09 -0.14 14.77
C ALA A 116 -1.47 -0.20 13.38
N VAL A 117 -0.91 0.92 12.92
CA VAL A 117 -0.26 0.98 11.64
C VAL A 117 0.95 0.06 11.55
N MET A 118 1.77 0.04 12.59
CA MET A 118 2.95 -0.83 12.60
C MET A 118 2.53 -2.30 12.58
N ALA A 119 1.51 -2.67 13.34
CA ALA A 119 1.05 -4.06 13.38
C ALA A 119 0.47 -4.47 12.03
N THR A 120 -0.29 -3.58 11.40
CA THR A 120 -0.85 -3.84 10.08
C THR A 120 0.27 -3.96 9.03
N ALA A 121 1.27 -3.09 9.08
CA ALA A 121 2.42 -3.16 8.14
C ALA A 121 3.26 -4.42 8.28
N MET A 122 3.42 -4.89 9.53
CA MET A 122 4.03 -6.18 9.81
C MET A 122 3.28 -7.35 9.17
N TYR A 123 1.98 -7.42 9.40
CA TYR A 123 1.10 -8.40 8.74
C TYR A 123 1.14 -8.34 7.19
N LEU A 124 1.14 -7.14 6.64
CA LEU A 124 1.21 -6.97 5.18
C LEU A 124 2.62 -7.11 4.60
N GLN A 125 3.63 -7.24 5.45
CA GLN A 125 5.04 -7.34 5.03
C GLN A 125 5.48 -6.13 4.21
N MET A 126 5.33 -4.98 4.86
CA MET A 126 5.72 -3.71 4.29
C MET A 126 6.88 -3.26 5.15
N GLU A 127 8.06 -3.80 4.84
CA GLU A 127 9.21 -3.75 5.75
C GLU A 127 9.75 -2.35 5.96
N HIS A 128 9.82 -1.53 4.90
CA HIS A 128 10.26 -0.13 5.04
C HIS A 128 9.33 0.69 5.93
N VAL A 129 8.02 0.49 5.80
CA VAL A 129 7.08 1.12 6.74
C VAL A 129 7.28 0.59 8.18
N VAL A 130 7.51 -0.71 8.36
CA VAL A 130 7.72 -1.26 9.72
C VAL A 130 8.95 -0.61 10.36
N ASP A 131 10.06 -0.54 9.62
CA ASP A 131 11.29 0.15 10.09
C ASP A 131 11.06 1.60 10.47
N THR A 132 10.34 2.32 9.62
CA THR A 132 10.01 3.71 9.89
C THR A 132 9.23 3.85 11.18
N CYS A 133 8.22 2.99 11.37
CA CYS A 133 7.42 3.01 12.59
C CYS A 133 8.30 2.77 13.83
N ARG A 134 9.24 1.83 13.73
CA ARG A 134 10.19 1.55 14.82
C ARG A 134 10.98 2.81 15.21
N LYS A 135 11.54 3.51 14.22
CA LYS A 135 12.30 4.73 14.47
C LYS A 135 11.47 5.79 15.19
N PHE A 136 10.25 6.01 14.74
CA PHE A 136 9.35 7.00 15.36
C PHE A 136 8.88 6.60 16.78
N ILE A 137 8.69 5.31 17.03
CA ILE A 137 8.37 4.83 18.38
C ILE A 137 9.60 4.95 19.31
N LYS A 138 10.77 4.56 18.79
CA LYS A 138 12.02 4.60 19.54
C LYS A 138 12.43 6.03 19.93
N ALA A 139 12.23 6.99 19.03
CA ALA A 139 12.47 8.41 19.33
C ALA A 139 11.44 8.98 20.31
N SER A 140 10.20 8.51 20.20
CA SER A 140 9.10 8.93 21.08
C SER A 140 9.30 8.49 22.53
N GLU A 141 9.99 7.37 22.73
CA GLU A 141 10.46 6.98 24.05
C GLU A 141 11.76 7.71 24.38
C4 7Z6 B . -5.23 10.67 -19.34
C5 7Z6 B . -2.94 10.18 -18.87
C6 7Z6 B . -8.82 13.43 -19.71
C7 7Z6 B . -6.97 13.97 -18.51
C8 7Z6 B . -6.61 8.94 -14.47
C10 7Z6 B . -7.47 13.40 -17.35
C13 7Z6 B . -5.85 8.51 -15.54
C15 7Z6 B . -6.62 11.07 -15.31
C17 7Z6 B . -1.23 11.48 -20.34
C1 7Z6 B . -9.41 12.83 -18.61
C2 7Z6 B . -8.72 12.81 -17.41
C3 7Z6 B . -4.88 11.57 -20.31
C9 7Z6 B . -2.58 11.08 -19.85
C11 7Z6 B . -3.54 11.74 -20.55
C12 7Z6 B . -4.29 9.98 -18.61
C14 7Z6 B . -5.49 9.45 -16.49
C16 7Z6 B . -1.55 12.51 -21.40
C18 7Z6 B . -6.65 13.44 -16.12
N19 7Z6 B . -7.60 14.01 -19.69
N20 7Z6 B . -7.01 10.20 -14.35
N21 7Z6 B . -5.87 10.73 -16.37
N22 7Z6 B . -2.93 12.58 -21.47
N23 7Z6 B . -4.71 9.08 -17.61
N24 7Z6 B . -7.02 12.41 -15.16
O25 7Z6 B . -0.75 13.16 -22.05
CL1 7Z6 B . -5.37 6.85 -15.66
C1 EDO C . 1.85 10.73 -16.54
O1 EDO C . 0.76 11.21 -17.34
C2 EDO C . 2.76 9.88 -17.41
O2 EDO C . 4.03 10.51 -17.54
K K D . -10.62 -5.22 14.48
#